data_6JDH
#
_entry.id   6JDH
#
_cell.length_a   126.336
_cell.length_b   126.336
_cell.length_c   82.420
_cell.angle_alpha   90.000
_cell.angle_beta   90.000
_cell.angle_gamma   120.000
#
_symmetry.space_group_name_H-M   'P 32 2 1'
#
loop_
_entity.id
_entity.type
_entity.pdbx_description
1 polymer 'N-acetylmannosamine kinase'
2 non-polymer 'ZINC ION'
3 non-polymer GLYCEROL
4 water water
#
_entity_poly.entity_id   1
_entity_poly.type   'polypeptide(L)'
_entity_poly.pdbx_seq_one_letter_code
;MRCLALDIGGTKIASAIVTDGKIEQRQQIATPQADAANAMHDTLANILALYAGQFDYVAVASTGIINHGVLTALNPKNLG
GLAEFPLKESIARHTDKPIGLLNDVQAAACAEYKDEDKNAVQNFVFITVSTGVGGGIILERRLLTEPNGVAGHIGHTLAD
PNGPVCGCGRVGCVEAVAAGRAIEAVSSQWNPPCTPKQAFELFRKNDEKATALIQRSASAIANLIADLVIGLDVQKVVVG
GSVGLAEGYLPLVKQYLNTMPHFYHCTVEQARHGQDAGLLGAAWWVADCLKQGVHLK
;
_entity_poly.pdbx_strand_id   A,B
#
loop_
_chem_comp.id
_chem_comp.type
_chem_comp.name
_chem_comp.formula
GOL non-polymer GLYCEROL 'C3 H8 O3'
ZN non-polymer 'ZINC ION' 'Zn 2'
#
# COMPACT_ATOMS: atom_id res chain seq x y z
N MET A 1 28.48 -5.28 17.09
CA MET A 1 28.43 -4.85 15.69
C MET A 1 28.57 -3.34 15.54
N ARG A 2 29.59 -2.91 14.81
CA ARG A 2 29.95 -1.51 14.66
C ARG A 2 29.51 -1.02 13.28
N CYS A 3 28.62 -0.03 13.27
CA CYS A 3 28.10 0.53 12.03
C CYS A 3 28.62 1.94 11.83
N LEU A 4 29.22 2.19 10.67
CA LEU A 4 29.45 3.56 10.20
C LEU A 4 28.15 4.02 9.55
N ALA A 5 27.42 4.89 10.24
CA ALA A 5 26.18 5.42 9.70
C ALA A 5 26.44 6.81 9.14
N LEU A 6 25.97 7.05 7.92
CA LEU A 6 26.00 8.36 7.30
C LEU A 6 24.57 8.81 7.07
N ASP A 7 24.32 10.08 7.32
CA ASP A 7 23.03 10.69 7.00
C ASP A 7 23.31 11.86 6.07
N ILE A 8 22.96 11.69 4.80
CA ILE A 8 23.27 12.67 3.76
C ILE A 8 22.01 13.48 3.47
N GLY A 9 22.02 14.74 3.89
CA GLY A 9 20.89 15.63 3.76
C GLY A 9 21.12 16.73 2.75
N GLY A 10 20.10 17.58 2.62
CA GLY A 10 20.19 18.70 1.69
C GLY A 10 21.27 19.70 2.05
N THR A 11 21.62 19.80 3.34
CA THR A 11 22.61 20.80 3.75
C THR A 11 23.76 20.19 4.55
N LYS A 12 23.50 19.14 5.34
CA LYS A 12 24.51 18.55 6.21
C LYS A 12 24.67 17.06 5.94
N ILE A 13 25.92 16.59 6.05
CA ILE A 13 26.25 15.17 6.12
C ILE A 13 26.68 14.88 7.56
N ALA A 14 25.88 14.09 8.26
CA ALA A 14 26.23 13.59 9.58
C ALA A 14 26.84 12.19 9.46
N SER A 15 27.85 11.91 10.26
CA SER A 15 28.45 10.58 10.29
C SER A 15 28.70 10.17 11.74
N ALA A 16 28.71 8.87 11.98
CA ALA A 16 28.88 8.39 13.35
C ALA A 16 29.14 6.89 13.32
N ILE A 17 29.67 6.39 14.43
CA ILE A 17 29.72 4.97 14.69
C ILE A 17 28.56 4.64 15.61
N VAL A 18 27.74 3.67 15.21
CA VAL A 18 26.58 3.25 15.97
C VAL A 18 26.84 1.82 16.40
N THR A 19 26.77 1.58 17.70
CA THR A 19 26.95 0.25 18.28
C THR A 19 25.90 0.04 19.35
N ASP A 20 25.03 -0.96 19.14
CA ASP A 20 23.92 -1.24 20.04
C ASP A 20 23.02 -0.01 20.18
N GLY A 21 22.73 0.62 19.04
CA GLY A 21 21.86 1.78 19.01
C GLY A 21 22.44 2.99 19.72
N LYS A 22 23.73 2.95 20.05
CA LYS A 22 24.41 4.04 20.73
C LYS A 22 25.35 4.73 19.75
N ILE A 23 25.32 6.06 19.76
CA ILE A 23 26.05 6.87 18.79
C ILE A 23 27.34 7.36 19.41
N GLU A 24 28.43 7.29 18.63
CA GLU A 24 29.72 7.80 19.07
C GLU A 24 30.48 8.36 17.87
N GLN A 25 31.46 9.21 18.17
CA GLN A 25 32.37 9.72 17.16
C GLN A 25 31.61 10.51 16.09
N ARG A 26 30.73 11.39 16.56
CA ARG A 26 29.94 12.21 15.64
C ARG A 26 30.82 13.16 14.85
N GLN A 27 30.42 13.39 13.59
CA GLN A 27 30.94 14.47 12.80
C GLN A 27 29.80 14.98 11.92
N GLN A 28 29.82 16.27 11.66
CA GLN A 28 28.86 16.89 10.77
C GLN A 28 29.61 17.86 9.88
N ILE A 29 29.34 17.81 8.58
CA ILE A 29 29.97 18.68 7.61
C ILE A 29 28.92 19.14 6.62
N ALA A 30 29.29 20.12 5.80
CA ALA A 30 28.35 20.66 4.82
C ALA A 30 28.22 19.70 3.65
N THR A 31 27.00 19.55 3.15
CA THR A 31 26.80 18.77 1.95
C THR A 31 27.43 19.52 0.78
N PRO A 32 28.30 18.88 0.00
CA PRO A 32 28.95 19.58 -1.12
C PRO A 32 27.96 20.32 -1.99
N GLN A 33 28.33 21.55 -2.38
N GLN A 33 28.30 21.55 -2.35
CA GLN A 33 27.51 22.36 -3.27
CA GLN A 33 27.53 22.33 -3.29
C GLN A 33 28.28 22.93 -4.45
C GLN A 33 28.35 22.76 -4.49
N ALA A 34 29.55 23.27 -4.25
CA ALA A 34 30.44 23.61 -5.35
C ALA A 34 30.92 22.32 -6.01
N ASP A 35 30.79 22.24 -7.34
CA ASP A 35 31.28 21.07 -8.07
C ASP A 35 30.79 19.78 -7.39
N ALA A 36 29.48 19.76 -7.10
CA ALA A 36 28.94 18.84 -6.10
C ALA A 36 29.35 17.39 -6.37
N ALA A 37 29.21 16.92 -7.61
CA ALA A 37 29.50 15.51 -7.88
C ALA A 37 30.96 15.20 -7.63
N ASN A 38 31.86 15.97 -8.25
CA ASN A 38 33.29 15.79 -7.97
C ASN A 38 33.55 15.87 -6.47
N ALA A 39 32.98 16.90 -5.82
CA ALA A 39 33.24 17.13 -4.41
C ALA A 39 32.74 15.98 -3.55
N MET A 40 31.59 15.39 -3.91
CA MET A 40 31.03 14.32 -3.08
C MET A 40 31.93 13.10 -3.07
N HIS A 41 32.50 12.74 -4.22
CA HIS A 41 33.47 11.64 -4.24
C HIS A 41 34.60 11.90 -3.26
N ASP A 42 35.12 13.14 -3.23
CA ASP A 42 36.17 13.48 -2.27
C ASP A 42 35.67 13.33 -0.84
N THR A 43 34.54 13.97 -0.52
CA THR A 43 33.98 13.88 0.82
C THR A 43 33.84 12.44 1.29
N LEU A 44 33.25 11.58 0.44
CA LEU A 44 33.07 10.19 0.84
C LEU A 44 34.42 9.50 1.06
N ALA A 45 35.40 9.78 0.21
CA ALA A 45 36.74 9.27 0.46
C ALA A 45 37.26 9.74 1.82
N ASN A 46 37.08 11.04 2.13
CA ASN A 46 37.55 11.59 3.40
C ASN A 46 36.88 10.90 4.58
N ILE A 47 35.55 10.76 4.53
CA ILE A 47 34.81 10.18 5.65
C ILE A 47 35.25 8.73 5.89
N LEU A 48 35.33 7.93 4.81
CA LEU A 48 35.71 6.54 4.98
C LEU A 48 37.15 6.42 5.53
N ALA A 49 38.04 7.33 5.11
CA ALA A 49 39.39 7.33 5.68
C ALA A 49 39.35 7.66 7.17
N LEU A 50 38.61 8.69 7.55
CA LEU A 50 38.58 9.10 8.96
C LEU A 50 38.12 7.96 9.87
N TYR A 51 37.20 7.12 9.41
CA TYR A 51 36.65 6.04 10.22
C TYR A 51 37.28 4.69 9.91
N ALA A 52 38.35 4.65 9.12
CA ALA A 52 38.96 3.38 8.74
C ALA A 52 39.16 2.48 9.95
N GLY A 53 38.82 1.19 9.78
CA GLY A 53 38.94 0.20 10.81
C GLY A 53 37.95 0.31 11.96
N GLN A 54 37.02 1.26 11.90
CA GLN A 54 36.11 1.53 13.01
C GLN A 54 34.75 0.84 12.87
N PHE A 55 34.49 0.14 11.76
CA PHE A 55 33.15 -0.30 11.44
C PHE A 55 33.18 -1.66 10.78
N ASP A 56 32.14 -2.45 11.05
CA ASP A 56 31.93 -3.73 10.38
C ASP A 56 31.03 -3.61 9.15
N TYR A 57 30.28 -2.52 9.03
CA TYR A 57 29.42 -2.29 7.86
C TYR A 57 29.03 -0.82 7.83
N VAL A 58 28.52 -0.41 6.67
CA VAL A 58 28.17 0.98 6.40
C VAL A 58 26.68 1.06 6.13
N ALA A 59 26.01 2.05 6.75
CA ALA A 59 24.59 2.30 6.48
C ALA A 59 24.42 3.77 6.16
N VAL A 60 23.72 4.06 5.07
CA VAL A 60 23.62 5.41 4.54
C VAL A 60 22.15 5.78 4.36
N ALA A 61 21.70 6.79 5.09
CA ALA A 61 20.41 7.43 4.83
C ALA A 61 20.65 8.67 3.99
N SER A 62 19.79 8.89 2.99
CA SER A 62 19.96 10.02 2.10
C SER A 62 18.60 10.58 1.68
N THR A 63 18.53 11.89 1.49
CA THR A 63 17.30 12.43 0.92
C THR A 63 17.17 11.96 -0.53
N GLY A 64 15.94 11.92 -1.01
CA GLY A 64 15.67 11.48 -2.35
C GLY A 64 15.33 10.02 -2.38
N ILE A 65 15.63 9.36 -3.50
CA ILE A 65 15.29 7.97 -3.71
C ILE A 65 16.58 7.21 -4.02
N ILE A 66 16.73 6.05 -3.42
CA ILE A 66 17.87 5.18 -3.67
C ILE A 66 17.43 4.12 -4.66
N ASN A 67 17.92 4.18 -5.88
CA ASN A 67 17.57 3.20 -6.91
C ASN A 67 18.85 2.41 -7.21
N HIS A 68 18.89 1.17 -6.72
CA HIS A 68 20.02 0.29 -6.93
C HIS A 68 21.34 1.00 -6.64
N GLY A 69 21.42 1.63 -5.47
CA GLY A 69 22.64 2.29 -5.02
C GLY A 69 22.91 3.65 -5.62
N VAL A 70 22.00 4.19 -6.43
CA VAL A 70 22.18 5.48 -7.10
C VAL A 70 21.17 6.48 -6.53
N LEU A 71 21.63 7.71 -6.34
CA LEU A 71 20.78 8.77 -5.82
C LEU A 71 19.93 9.39 -6.93
N THR A 72 18.61 9.40 -6.73
CA THR A 72 17.72 9.95 -7.74
C THR A 72 16.53 10.57 -7.02
N ALA A 73 15.56 11.05 -7.80
CA ALA A 73 14.42 11.76 -7.23
C ALA A 73 13.31 11.79 -8.27
N LEU A 74 12.08 12.04 -7.80
CA LEU A 74 10.97 12.12 -8.73
C LEU A 74 11.22 13.20 -9.78
N ASN A 75 11.64 14.38 -9.34
CA ASN A 75 12.26 15.37 -10.22
C ASN A 75 13.75 15.44 -9.88
N PRO A 76 14.63 14.92 -10.74
CA PRO A 76 16.05 14.82 -10.37
C PRO A 76 16.74 16.15 -10.11
N LYS A 77 16.20 17.27 -10.62
CA LYS A 77 16.87 18.55 -10.40
C LYS A 77 16.78 19.01 -8.96
N ASN A 78 15.82 18.48 -8.18
CA ASN A 78 15.78 18.82 -6.76
C ASN A 78 17.03 18.37 -6.02
N LEU A 79 17.88 17.57 -6.64
CA LEU A 79 19.16 17.15 -6.08
C LEU A 79 20.34 17.91 -6.66
N GLY A 80 20.12 18.79 -7.63
CA GLY A 80 21.22 19.53 -8.21
C GLY A 80 22.31 18.62 -8.73
N GLY A 81 23.56 18.93 -8.36
CA GLY A 81 24.69 18.21 -8.89
C GLY A 81 24.82 16.77 -8.44
N LEU A 82 23.99 16.34 -7.48
CA LEU A 82 24.02 14.96 -7.03
C LEU A 82 22.97 14.09 -7.71
N ALA A 83 22.21 14.65 -8.65
CA ALA A 83 21.30 13.81 -9.44
C ALA A 83 22.06 12.64 -10.04
N GLU A 84 21.49 11.44 -9.90
CA GLU A 84 22.07 10.21 -10.46
C GLU A 84 23.46 9.92 -9.91
N PHE A 85 23.73 10.34 -8.69
CA PHE A 85 25.07 10.13 -8.11
C PHE A 85 25.25 8.67 -7.69
N PRO A 86 26.35 8.03 -8.10
CA PRO A 86 26.60 6.60 -7.79
C PRO A 86 27.12 6.37 -6.37
N LEU A 87 26.19 6.48 -5.42
CA LEU A 87 26.55 6.56 -4.00
C LEU A 87 27.18 5.26 -3.49
N LYS A 88 26.54 4.12 -3.73
CA LYS A 88 27.09 2.87 -3.22
C LYS A 88 28.45 2.56 -3.87
N GLU A 89 28.55 2.79 -5.18
CA GLU A 89 29.80 2.54 -5.88
C GLU A 89 30.91 3.44 -5.33
N SER A 90 30.62 4.71 -5.09
CA SER A 90 31.66 5.61 -4.61
C SER A 90 32.17 5.17 -3.25
N ILE A 91 31.27 4.76 -2.36
CA ILE A 91 31.70 4.29 -1.04
C ILE A 91 32.47 2.98 -1.15
N ALA A 92 32.03 2.09 -2.06
CA ALA A 92 32.67 0.79 -2.17
C ALA A 92 34.12 0.90 -2.63
N ARG A 93 34.49 1.99 -3.32
CA ARG A 93 35.89 2.20 -3.66
C ARG A 93 36.79 2.11 -2.45
N HIS A 94 36.26 2.40 -1.27
CA HIS A 94 37.07 2.63 -0.08
C HIS A 94 36.91 1.55 1.00
N THR A 95 36.08 0.53 0.75
CA THR A 95 35.88 -0.49 1.77
C THR A 95 35.27 -1.72 1.10
N ASP A 96 35.55 -2.88 1.68
CA ASP A 96 34.97 -4.13 1.23
C ASP A 96 33.87 -4.63 2.16
N LYS A 97 33.60 -3.91 3.25
CA LYS A 97 32.50 -4.27 4.13
C LYS A 97 31.17 -4.04 3.40
N PRO A 98 30.09 -4.65 3.89
CA PRO A 98 28.79 -4.44 3.25
C PRO A 98 28.27 -3.03 3.46
N ILE A 99 27.54 -2.54 2.45
CA ILE A 99 27.00 -1.18 2.44
C ILE A 99 25.51 -1.24 2.11
N GLY A 100 24.68 -0.71 3.00
CA GLY A 100 23.23 -0.60 2.76
C GLY A 100 22.84 0.87 2.67
N LEU A 101 21.91 1.17 1.77
CA LEU A 101 21.43 2.52 1.53
C LEU A 101 19.91 2.55 1.56
N LEU A 102 19.35 3.58 2.19
CA LEU A 102 17.90 3.79 2.15
C LEU A 102 17.67 5.30 2.18
N ASN A 103 16.43 5.71 1.96
CA ASN A 103 16.20 7.15 1.98
C ASN A 103 15.86 7.61 3.40
N ASP A 104 15.89 8.94 3.60
CA ASP A 104 15.89 9.47 4.95
C ASP A 104 14.55 9.24 5.65
N VAL A 105 13.43 9.22 4.92
CA VAL A 105 12.15 8.95 5.57
C VAL A 105 12.03 7.46 5.91
N GLN A 106 12.53 6.58 5.04
CA GLN A 106 12.57 5.17 5.39
C GLN A 106 13.44 4.93 6.62
N ALA A 107 14.57 5.64 6.71
CA ALA A 107 15.41 5.49 7.90
C ALA A 107 14.69 5.98 9.15
N ALA A 108 13.99 7.12 9.06
CA ALA A 108 13.22 7.59 10.21
C ALA A 108 12.13 6.60 10.59
N ALA A 109 11.47 5.98 9.60
CA ALA A 109 10.50 4.93 9.89
C ALA A 109 11.13 3.83 10.74
N CYS A 110 12.33 3.38 10.34
CA CYS A 110 12.98 2.29 11.08
C CYS A 110 13.37 2.73 12.48
N ALA A 111 13.79 4.00 12.64
CA ALA A 111 14.12 4.48 13.98
C ALA A 111 12.91 4.40 14.91
N GLU A 112 11.72 4.68 14.38
CA GLU A 112 10.54 4.61 15.22
C GLU A 112 10.09 3.16 15.41
N TYR A 113 10.31 2.31 14.39
CA TYR A 113 9.86 0.93 14.49
C TYR A 113 10.74 0.08 15.42
N LYS A 114 12.02 0.40 15.51
CA LYS A 114 12.93 -0.48 16.26
C LYS A 114 12.50 -0.64 17.71
N ASP A 115 11.82 0.36 18.27
CA ASP A 115 11.34 0.32 19.65
C ASP A 115 9.99 -0.37 19.83
N GLU A 116 9.36 -0.82 18.74
CA GLU A 116 8.05 -1.45 18.84
C GLU A 116 8.16 -2.91 19.29
N ASP A 117 7.05 -3.41 19.82
CA ASP A 117 6.89 -4.84 20.08
C ASP A 117 6.58 -5.52 18.75
N LYS A 118 7.60 -6.17 18.18
CA LYS A 118 7.49 -6.74 16.84
C LYS A 118 6.51 -7.90 16.77
N ASN A 119 6.15 -8.48 17.91
CA ASN A 119 5.09 -9.48 17.90
C ASN A 119 3.73 -8.83 17.80
N ALA A 120 3.57 -7.63 18.38
CA ALA A 120 2.29 -6.95 18.36
C ALA A 120 2.10 -6.09 17.10
N VAL A 121 3.19 -5.57 16.54
CA VAL A 121 3.14 -4.61 15.43
C VAL A 121 4.07 -5.10 14.33
N GLN A 122 3.50 -5.64 13.26
N GLN A 122 3.47 -5.65 13.28
CA GLN A 122 4.30 -6.01 12.11
CA GLN A 122 4.18 -6.12 12.08
C GLN A 122 4.09 -5.13 10.89
C GLN A 122 4.08 -5.15 10.92
N ASN A 123 2.96 -4.41 10.81
CA ASN A 123 2.65 -3.53 9.68
C ASN A 123 2.59 -2.10 10.21
N PHE A 124 3.53 -1.28 9.80
CA PHE A 124 3.83 -0.02 10.49
C PHE A 124 4.19 1.01 9.45
N VAL A 125 3.65 2.22 9.57
CA VAL A 125 3.93 3.28 8.59
C VAL A 125 4.36 4.54 9.34
N PHE A 126 5.46 5.12 8.91
CA PHE A 126 5.88 6.46 9.34
C PHE A 126 5.49 7.48 8.27
N ILE A 127 4.82 8.54 8.70
CA ILE A 127 4.47 9.65 7.81
C ILE A 127 5.13 10.91 8.36
N THR A 128 5.87 11.62 7.52
CA THR A 128 6.40 12.92 7.91
C THR A 128 5.65 14.00 7.15
N VAL A 129 5.11 14.97 7.87
CA VAL A 129 4.42 16.11 7.29
C VAL A 129 5.25 17.33 7.65
N SER A 130 5.98 17.83 6.67
CA SER A 130 6.95 18.90 6.85
C SER A 130 6.73 19.88 5.71
N THR A 131 7.80 20.29 5.04
CA THR A 131 7.65 21.04 3.80
C THR A 131 6.90 20.22 2.75
N GLY A 132 7.21 18.93 2.68
CA GLY A 132 6.44 18.00 1.86
C GLY A 132 5.80 16.93 2.71
N VAL A 133 5.32 15.85 2.10
CA VAL A 133 4.81 14.69 2.82
C VAL A 133 5.60 13.49 2.34
N GLY A 134 6.23 12.77 3.28
CA GLY A 134 6.99 11.59 2.93
C GLY A 134 6.56 10.40 3.76
N GLY A 135 6.92 9.19 3.33
CA GLY A 135 6.56 8.03 4.14
C GLY A 135 7.58 6.92 4.05
N GLY A 136 7.48 6.02 5.03
CA GLY A 136 8.24 4.78 5.00
C GLY A 136 7.31 3.66 5.44
N ILE A 137 7.29 2.53 4.74
CA ILE A 137 6.30 1.48 4.99
C ILE A 137 7.03 0.21 5.39
N ILE A 138 6.64 -0.35 6.53
CA ILE A 138 7.16 -1.61 7.03
C ILE A 138 5.99 -2.60 7.08
N LEU A 139 6.12 -3.74 6.37
CA LEU A 139 5.12 -4.80 6.37
C LEU A 139 5.76 -6.12 6.78
N GLU A 140 5.06 -6.92 7.60
CA GLU A 140 5.63 -8.15 8.17
C GLU A 140 7.04 -7.90 8.71
N ARG A 141 7.21 -6.79 9.42
CA ARG A 141 8.43 -6.42 10.13
C ARG A 141 9.57 -6.00 9.22
N ARG A 142 9.35 -5.89 7.91
CA ARG A 142 10.43 -5.57 6.98
C ARG A 142 10.09 -4.32 6.18
N LEU A 143 11.07 -3.42 6.06
CA LEU A 143 10.88 -2.17 5.30
C LEU A 143 10.69 -2.49 3.83
N LEU A 144 9.76 -1.79 3.18
CA LEU A 144 9.60 -1.93 1.73
C LEU A 144 10.61 -1.05 1.00
N THR A 145 11.42 -1.66 0.13
CA THR A 145 12.39 -0.90 -0.65
C THR A 145 12.53 -1.37 -2.09
N GLU A 146 11.93 -2.54 -2.47
CA GLU A 146 12.24 -3.13 -3.77
C GLU A 146 11.14 -2.84 -4.78
N PRO A 147 11.48 -2.79 -6.07
CA PRO A 147 12.85 -2.96 -6.57
C PRO A 147 13.63 -1.66 -6.71
N ASN A 148 12.93 -0.52 -6.79
CA ASN A 148 13.57 0.74 -7.19
C ASN A 148 13.56 1.81 -6.10
N GLY A 149 13.28 1.43 -4.85
CA GLY A 149 13.37 2.39 -3.75
C GLY A 149 12.24 3.41 -3.66
N VAL A 150 11.17 3.25 -4.43
CA VAL A 150 10.08 4.24 -4.44
C VAL A 150 9.04 3.98 -3.36
N ALA A 151 8.88 2.73 -2.93
CA ALA A 151 7.85 2.38 -1.96
C ALA A 151 7.88 3.31 -0.76
N GLY A 152 6.69 3.80 -0.38
CA GLY A 152 6.58 4.74 0.70
C GLY A 152 6.34 6.17 0.27
N HIS A 153 6.29 6.46 -1.03
CA HIS A 153 6.00 7.82 -1.50
C HIS A 153 4.50 8.13 -1.47
N ILE A 154 3.93 7.97 -0.27
CA ILE A 154 2.49 8.11 -0.08
C ILE A 154 2.03 9.57 -0.04
N GLY A 155 2.96 10.53 0.01
CA GLY A 155 2.59 11.92 -0.24
C GLY A 155 2.07 12.13 -1.64
N HIS A 156 2.34 11.19 -2.54
CA HIS A 156 1.92 11.33 -3.94
C HIS A 156 0.79 10.39 -4.28
N THR A 157 0.09 9.88 -3.27
CA THR A 157 -1.20 9.24 -3.50
C THR A 157 -2.30 10.30 -3.53
N LEU A 158 -3.45 9.92 -4.08
CA LEU A 158 -4.50 10.89 -4.35
C LEU A 158 -5.20 11.31 -3.07
N ALA A 159 -5.32 12.63 -2.87
CA ALA A 159 -6.16 13.20 -1.83
C ALA A 159 -7.47 13.78 -2.35
N ASP A 160 -7.49 14.30 -3.57
CA ASP A 160 -8.67 14.98 -4.11
C ASP A 160 -8.47 15.16 -5.62
N PRO A 161 -9.24 14.46 -6.46
CA PRO A 161 -9.04 14.59 -7.91
C PRO A 161 -9.38 15.98 -8.45
N ASN A 162 -9.95 16.86 -7.63
CA ASN A 162 -10.18 18.25 -7.99
C ASN A 162 -9.28 19.18 -7.20
N GLY A 163 -8.23 18.65 -6.58
CA GLY A 163 -7.34 19.49 -5.82
C GLY A 163 -6.25 20.07 -6.71
N PRO A 164 -5.32 20.79 -6.09
CA PRO A 164 -4.25 21.44 -6.86
C PRO A 164 -3.30 20.44 -7.50
N VAL A 165 -2.54 20.93 -8.48
CA VAL A 165 -1.51 20.15 -9.13
C VAL A 165 -0.32 20.05 -8.20
N CYS A 166 0.19 18.83 -8.02
CA CYS A 166 1.31 18.63 -7.13
C CYS A 166 2.60 19.09 -7.80
N GLY A 167 3.63 19.32 -7.00
CA GLY A 167 4.95 19.58 -7.53
C GLY A 167 5.44 18.50 -8.47
N CYS A 168 5.00 17.26 -8.27
CA CYS A 168 5.45 16.17 -9.14
C CYS A 168 4.77 16.19 -10.49
N GLY A 169 3.65 16.92 -10.62
CA GLY A 169 2.89 16.99 -11.85
C GLY A 169 1.57 16.24 -11.81
N ARG A 170 1.33 15.43 -10.78
CA ARG A 170 0.06 14.72 -10.65
C ARG A 170 -0.98 15.64 -10.02
N VAL A 171 -2.22 15.50 -10.47
CA VAL A 171 -3.31 16.31 -9.92
C VAL A 171 -3.79 15.71 -8.60
N GLY A 172 -3.74 16.51 -7.54
CA GLY A 172 -4.46 16.21 -6.33
C GLY A 172 -3.77 15.34 -5.29
N CYS A 173 -2.44 15.25 -5.32
CA CYS A 173 -1.70 14.46 -4.34
C CYS A 173 -1.95 14.95 -2.91
N VAL A 174 -1.80 14.03 -1.95
CA VAL A 174 -1.80 14.39 -0.53
C VAL A 174 -0.88 15.58 -0.27
N GLU A 175 0.32 15.57 -0.88
CA GLU A 175 1.30 16.60 -0.57
C GLU A 175 0.79 17.98 -0.97
N ALA A 176 0.01 18.07 -2.05
CA ALA A 176 -0.49 19.34 -2.56
C ALA A 176 -1.64 19.91 -1.73
N VAL A 177 -2.18 19.11 -0.80
CA VAL A 177 -3.24 19.53 0.09
C VAL A 177 -2.78 19.66 1.54
N ALA A 178 -1.84 18.83 1.99
CA ALA A 178 -1.55 18.72 3.41
C ALA A 178 -0.20 19.27 3.83
N ALA A 179 0.75 19.40 2.91
CA ALA A 179 2.11 19.71 3.34
C ALA A 179 2.22 21.17 3.79
N GLY A 180 3.33 21.47 4.48
CA GLY A 180 3.61 22.85 4.85
C GLY A 180 3.63 23.78 3.66
N ARG A 181 4.25 23.36 2.56
CA ARG A 181 4.21 24.14 1.33
C ARG A 181 2.77 24.46 0.91
N ALA A 182 1.86 23.50 1.10
CA ALA A 182 0.48 23.71 0.66
C ALA A 182 -0.26 24.66 1.60
N ILE A 183 0.01 24.57 2.91
CA ILE A 183 -0.57 25.51 3.85
C ILE A 183 -0.10 26.92 3.52
N GLU A 184 1.21 27.08 3.31
CA GLU A 184 1.77 28.41 3.06
C GLU A 184 1.31 28.98 1.73
N ALA A 185 1.03 28.12 0.75
CA ALA A 185 0.47 28.58 -0.51
C ALA A 185 -0.84 29.34 -0.29
N VAL A 186 -1.62 28.95 0.71
CA VAL A 186 -2.86 29.63 1.05
C VAL A 186 -2.61 30.79 2.01
N SER A 187 -1.87 30.53 3.09
CA SER A 187 -1.73 31.55 4.12
C SER A 187 -0.92 32.75 3.63
N SER A 188 0.04 32.52 2.73
CA SER A 188 0.83 33.61 2.16
C SER A 188 -0.04 34.57 1.33
N GLN A 189 -1.21 34.14 0.88
CA GLN A 189 -2.13 34.97 0.10
C GLN A 189 -3.09 35.76 0.99
N TRP A 190 -3.13 35.49 2.28
CA TRP A 190 -4.00 36.24 3.15
C TRP A 190 -3.54 37.70 3.21
N ASN A 191 -4.45 38.56 3.63
CA ASN A 191 -4.15 39.98 3.78
C ASN A 191 -4.20 40.35 5.26
N PRO A 192 -3.06 40.51 5.94
CA PRO A 192 -1.69 40.39 5.44
C PRO A 192 -1.26 38.91 5.33
N PRO A 193 -0.09 38.65 4.74
CA PRO A 193 0.38 37.27 4.61
C PRO A 193 0.75 36.65 5.94
N CYS A 194 0.53 35.33 6.05
CA CYS A 194 0.92 34.57 7.22
C CYS A 194 1.73 33.34 6.82
N THR A 195 2.68 32.96 7.66
CA THR A 195 3.41 31.72 7.49
C THR A 195 2.57 30.56 8.04
N PRO A 196 2.98 29.31 7.78
CA PRO A 196 2.27 28.19 8.40
C PRO A 196 2.29 28.24 9.92
N LYS A 197 3.42 28.68 10.49
CA LYS A 197 3.52 28.82 11.94
C LYS A 197 2.50 29.80 12.48
N GLN A 198 2.30 30.93 11.78
CA GLN A 198 1.29 31.88 12.20
C GLN A 198 -0.11 31.33 11.98
N ALA A 199 -0.31 30.55 10.92
CA ALA A 199 -1.61 29.92 10.69
C ALA A 199 -1.97 28.97 11.82
N PHE A 200 -0.99 28.17 12.29
CA PHE A 200 -1.28 27.28 13.41
C PHE A 200 -1.64 28.07 14.67
N GLU A 201 -0.91 29.16 14.95
CA GLU A 201 -1.22 29.97 16.12
C GLU A 201 -2.66 30.47 16.08
N LEU A 202 -3.10 31.00 14.94
CA LEU A 202 -4.49 31.43 14.81
C LEU A 202 -5.45 30.24 14.96
N PHE A 203 -5.11 29.10 14.35
CA PHE A 203 -5.91 27.90 14.52
C PHE A 203 -6.12 27.58 16.00
N ARG A 204 -5.06 27.66 16.80
CA ARG A 204 -5.22 27.36 18.22
C ARG A 204 -6.03 28.43 18.95
N LYS A 205 -6.25 29.58 18.32
CA LYS A 205 -7.12 30.62 18.87
C LYS A 205 -8.49 30.60 18.24
N ASN A 206 -8.80 29.56 17.48
CA ASN A 206 -10.12 29.31 16.93
C ASN A 206 -10.49 30.30 15.82
N ASP A 207 -9.49 30.88 15.17
CA ASP A 207 -9.75 31.60 13.92
C ASP A 207 -10.36 30.64 12.92
N GLU A 208 -11.55 30.96 12.41
CA GLU A 208 -12.26 29.96 11.61
C GLU A 208 -11.56 29.73 10.28
N LYS A 209 -11.04 30.79 9.65
CA LYS A 209 -10.36 30.62 8.37
C LYS A 209 -9.05 29.85 8.52
N ALA A 210 -8.25 30.15 9.56
CA ALA A 210 -7.04 29.38 9.77
C ALA A 210 -7.36 27.94 10.12
N THR A 211 -8.40 27.72 10.93
CA THR A 211 -8.82 26.38 11.29
C THR A 211 -9.19 25.57 10.04
N ALA A 212 -9.93 26.18 9.12
CA ALA A 212 -10.28 25.48 7.89
C ALA A 212 -9.03 25.02 7.15
N LEU A 213 -8.00 25.86 7.13
CA LEU A 213 -6.78 25.52 6.41
C LEU A 213 -6.06 24.36 7.07
N ILE A 214 -5.97 24.35 8.40
CA ILE A 214 -5.32 23.24 9.09
C ILE A 214 -6.15 21.97 8.95
N GLN A 215 -7.47 22.08 9.06
CA GLN A 215 -8.34 20.92 8.88
C GLN A 215 -8.18 20.30 7.49
N ARG A 216 -8.02 21.13 6.46
CA ARG A 216 -7.76 20.63 5.12
C ARG A 216 -6.56 19.68 5.10
N SER A 217 -5.47 20.09 5.74
CA SER A 217 -4.30 19.23 5.82
C SER A 217 -4.56 17.99 6.67
N ALA A 218 -5.09 18.19 7.89
CA ALA A 218 -5.26 17.07 8.82
C ALA A 218 -6.22 16.03 8.25
N SER A 219 -7.30 16.47 7.61
CA SER A 219 -8.26 15.51 7.05
C SER A 219 -7.63 14.69 5.92
N ALA A 220 -6.75 15.32 5.13
CA ALA A 220 -6.09 14.58 4.05
C ALA A 220 -5.18 13.51 4.62
N ILE A 221 -4.46 13.82 5.70
CA ILE A 221 -3.60 12.82 6.35
C ILE A 221 -4.45 11.70 6.96
N ALA A 222 -5.56 12.05 7.60
CA ALA A 222 -6.48 11.02 8.09
C ALA A 222 -6.93 10.08 6.97
N ASN A 223 -7.28 10.62 5.81
CA ASN A 223 -7.74 9.75 4.73
C ASN A 223 -6.61 8.89 4.18
N LEU A 224 -5.38 9.40 4.17
CA LEU A 224 -4.24 8.56 3.81
C LEU A 224 -4.08 7.42 4.80
N ILE A 225 -4.17 7.71 6.09
CA ILE A 225 -4.05 6.67 7.11
C ILE A 225 -5.13 5.62 6.90
N ALA A 226 -6.36 6.05 6.66
CA ALA A 226 -7.44 5.07 6.44
C ALA A 226 -7.16 4.18 5.23
N ASP A 227 -6.67 4.77 4.12
CA ASP A 227 -6.25 3.98 2.96
C ASP A 227 -5.22 2.92 3.34
N LEU A 228 -4.21 3.30 4.12
CA LEU A 228 -3.16 2.36 4.52
C LEU A 228 -3.72 1.23 5.39
N VAL A 229 -4.61 1.58 6.31
CA VAL A 229 -5.22 0.58 7.18
C VAL A 229 -6.02 -0.43 6.35
N ILE A 230 -6.84 0.05 5.44
CA ILE A 230 -7.76 -0.85 4.73
C ILE A 230 -7.06 -1.51 3.55
N GLY A 231 -6.06 -0.86 2.96
CA GLY A 231 -5.39 -1.44 1.81
C GLY A 231 -4.30 -2.41 2.18
N LEU A 232 -3.61 -2.17 3.28
CA LEU A 232 -2.41 -2.93 3.65
C LEU A 232 -2.50 -3.60 5.01
N ASP A 233 -3.59 -3.41 5.74
CA ASP A 233 -3.75 -3.99 7.08
C ASP A 233 -2.71 -3.40 8.03
N VAL A 234 -2.41 -2.11 7.85
CA VAL A 234 -1.47 -1.43 8.73
C VAL A 234 -2.04 -1.36 10.15
N GLN A 235 -1.19 -1.63 11.14
CA GLN A 235 -1.62 -1.66 12.54
C GLN A 235 -1.24 -0.41 13.33
N LYS A 236 -0.24 0.33 12.89
CA LYS A 236 0.19 1.50 13.64
C LYS A 236 0.80 2.50 12.67
N VAL A 237 0.52 3.78 12.92
CA VAL A 237 1.09 4.86 12.14
C VAL A 237 1.70 5.85 13.12
N VAL A 238 2.91 6.29 12.81
CA VAL A 238 3.61 7.31 13.60
C VAL A 238 3.81 8.53 12.71
N VAL A 239 3.49 9.70 13.23
CA VAL A 239 3.47 10.93 12.43
C VAL A 239 4.50 11.89 13.00
N GLY A 240 5.38 12.40 12.13
CA GLY A 240 6.37 13.39 12.52
C GLY A 240 6.44 14.57 11.56
N GLY A 241 7.56 15.28 11.57
CA GLY A 241 7.71 16.47 10.77
C GLY A 241 7.17 17.71 11.46
N SER A 242 7.58 18.88 10.95
CA SER A 242 7.25 20.14 11.60
C SER A 242 5.75 20.38 11.65
N VAL A 243 5.04 20.09 10.57
CA VAL A 243 3.57 20.14 10.62
C VAL A 243 3.02 19.00 11.44
N GLY A 244 3.49 17.77 11.19
CA GLY A 244 2.93 16.62 11.90
C GLY A 244 2.97 16.76 13.41
N LEU A 245 4.04 17.37 13.94
CA LEU A 245 4.21 17.53 15.37
C LEU A 245 3.67 18.86 15.91
N ALA A 246 3.14 19.73 15.07
CA ALA A 246 2.62 21.01 15.56
C ALA A 246 1.50 20.80 16.56
N GLU A 247 1.48 21.63 17.61
CA GLU A 247 0.52 21.43 18.68
C GLU A 247 -0.91 21.47 18.15
N GLY A 248 -1.70 20.45 18.49
CA GLY A 248 -3.07 20.36 18.05
C GLY A 248 -3.30 19.61 16.75
N TYR A 249 -2.23 19.33 15.98
CA TYR A 249 -2.44 18.79 14.64
C TYR A 249 -2.79 17.30 14.68
N LEU A 250 -1.96 16.48 15.33
CA LEU A 250 -2.26 15.05 15.36
C LEU A 250 -3.60 14.76 16.03
N PRO A 251 -3.98 15.41 17.13
CA PRO A 251 -5.34 15.19 17.65
C PRO A 251 -6.41 15.46 16.62
N LEU A 252 -6.21 16.43 15.72
CA LEU A 252 -7.21 16.70 14.69
C LEU A 252 -7.21 15.57 13.64
N VAL A 253 -6.03 15.08 13.28
CA VAL A 253 -5.95 13.92 12.40
C VAL A 253 -6.74 12.76 13.00
N LYS A 254 -6.51 12.48 14.29
CA LYS A 254 -7.14 11.32 14.91
C LYS A 254 -8.63 11.51 15.07
N GLN A 255 -9.08 12.75 15.27
CA GLN A 255 -10.51 13.04 15.29
C GLN A 255 -11.18 12.69 13.96
N TYR A 256 -10.58 13.11 12.82
CA TYR A 256 -11.15 12.75 11.53
C TYR A 256 -11.13 11.23 11.32
N LEU A 257 -10.03 10.57 11.66
CA LEU A 257 -9.95 9.13 11.45
C LEU A 257 -11.05 8.42 12.24
N ASN A 258 -11.28 8.86 13.48
CA ASN A 258 -12.20 8.16 14.35
C ASN A 258 -13.66 8.34 13.95
N THR A 259 -13.97 9.34 13.12
CA THR A 259 -15.33 9.46 12.59
C THR A 259 -15.63 8.46 11.49
N MET A 260 -14.62 7.80 10.93
CA MET A 260 -14.84 6.79 9.89
C MET A 260 -15.25 5.47 10.52
N PRO A 261 -15.78 4.54 9.72
CA PRO A 261 -16.10 3.21 10.27
C PRO A 261 -14.92 2.62 11.03
N HIS A 262 -15.24 1.74 11.98
N HIS A 262 -15.23 1.73 11.98
CA HIS A 262 -14.24 1.21 12.90
CA HIS A 262 -14.22 1.23 12.89
C HIS A 262 -13.11 0.49 12.18
C HIS A 262 -13.10 0.49 12.18
N PHE A 263 -13.38 -0.16 11.05
CA PHE A 263 -12.32 -0.94 10.41
C PHE A 263 -11.27 -0.09 9.70
N TYR A 264 -11.37 1.26 9.72
CA TYR A 264 -10.27 2.13 9.28
C TYR A 264 -9.38 2.58 10.43
N HIS A 265 -9.75 2.32 11.67
CA HIS A 265 -9.01 2.82 12.81
C HIS A 265 -7.72 2.04 13.03
N CYS A 266 -6.71 2.71 13.59
CA CYS A 266 -5.52 2.03 14.04
C CYS A 266 -4.82 2.92 15.06
N THR A 267 -3.75 2.41 15.64
CA THR A 267 -2.95 3.20 16.57
C THR A 267 -2.24 4.31 15.79
N VAL A 268 -2.39 5.56 16.24
CA VAL A 268 -1.75 6.72 15.63
C VAL A 268 -1.06 7.51 16.75
N GLU A 269 0.26 7.70 16.63
N GLU A 269 0.26 7.69 16.64
CA GLU A 269 1.06 8.34 17.67
CA GLU A 269 1.02 8.38 17.69
C GLU A 269 2.05 9.30 17.05
C GLU A 269 2.08 9.27 17.08
N GLN A 270 2.58 10.19 17.89
N GLN A 270 2.57 10.20 17.89
CA GLN A 270 3.59 11.14 17.44
CA GLN A 270 3.58 11.15 17.44
C GLN A 270 4.96 10.47 17.36
C GLN A 270 4.95 10.48 17.37
N ALA A 271 5.78 10.97 16.45
CA ALA A 271 7.17 10.52 16.35
C ALA A 271 7.92 10.88 17.63
N ARG A 272 8.86 9.99 18.02
CA ARG A 272 9.64 10.17 19.23
C ARG A 272 11.14 10.34 19.00
N HIS A 273 11.64 10.21 17.77
CA HIS A 273 13.06 10.39 17.50
C HIS A 273 13.33 11.68 16.73
N GLY A 274 14.45 12.32 17.06
CA GLY A 274 14.76 13.61 16.49
C GLY A 274 15.85 13.58 15.45
N GLN A 275 16.86 14.42 15.62
CA GLN A 275 17.88 14.59 14.58
C GLN A 275 18.57 13.28 14.24
N ASP A 276 18.78 12.40 15.24
CA ASP A 276 19.54 11.18 15.00
C ASP A 276 18.71 10.04 14.41
N ALA A 277 17.44 10.29 14.05
CA ALA A 277 16.62 9.22 13.49
C ALA A 277 17.26 8.59 12.27
N GLY A 278 17.88 9.40 11.40
CA GLY A 278 18.45 8.83 10.18
C GLY A 278 19.61 7.89 10.46
N LEU A 279 20.55 8.33 11.31
CA LEU A 279 21.67 7.48 11.67
C LEU A 279 21.18 6.19 12.33
N LEU A 280 20.34 6.32 13.36
CA LEU A 280 19.91 5.14 14.10
C LEU A 280 19.04 4.21 13.24
N GLY A 281 18.13 4.77 12.47
CA GLY A 281 17.27 3.94 11.64
C GLY A 281 18.03 3.21 10.55
N ALA A 282 18.93 3.93 9.86
CA ALA A 282 19.76 3.28 8.86
C ALA A 282 20.61 2.18 9.49
N ALA A 283 21.20 2.45 10.66
CA ALA A 283 22.00 1.41 11.31
C ALA A 283 21.15 0.20 11.66
N TRP A 284 19.94 0.43 12.20
CA TRP A 284 19.07 -0.70 12.54
C TRP A 284 18.67 -1.50 11.31
N TRP A 285 18.34 -0.81 10.21
CA TRP A 285 17.83 -1.52 9.04
C TRP A 285 18.92 -2.39 8.41
N VAL A 286 20.12 -1.84 8.23
CA VAL A 286 21.15 -2.62 7.57
C VAL A 286 21.50 -3.84 8.42
N ALA A 287 21.58 -3.68 9.74
CA ALA A 287 21.83 -4.83 10.60
C ALA A 287 20.70 -5.85 10.48
N ASP A 288 19.45 -5.38 10.44
CA ASP A 288 18.32 -6.29 10.24
C ASP A 288 18.47 -7.07 8.93
N CYS A 289 18.83 -6.38 7.84
CA CYS A 289 19.06 -7.07 6.58
C CYS A 289 20.12 -8.16 6.73
N LEU A 290 21.26 -7.81 7.34
CA LEU A 290 22.37 -8.76 7.48
C LEU A 290 21.98 -9.94 8.35
N LYS A 291 21.30 -9.68 9.48
CA LYS A 291 20.84 -10.77 10.32
C LYS A 291 19.93 -11.71 9.56
N GLN A 292 19.10 -11.19 8.66
CA GLN A 292 18.15 -12.02 7.94
C GLN A 292 18.73 -12.63 6.68
N GLY A 293 20.01 -12.43 6.40
CA GLY A 293 20.66 -13.04 5.25
C GLY A 293 20.95 -12.07 4.12
N MET B 1 2.83 -32.60 -5.49
CA MET B 1 1.86 -32.77 -4.41
C MET B 1 0.41 -32.61 -4.91
N ARG B 2 -0.52 -33.14 -4.14
CA ARG B 2 -1.93 -33.16 -4.49
C ARG B 2 -2.70 -32.22 -3.57
N CYS B 3 -3.42 -31.26 -4.16
CA CYS B 3 -4.16 -30.26 -3.39
C CYS B 3 -5.65 -30.48 -3.55
N LEU B 4 -6.34 -30.64 -2.44
CA LEU B 4 -7.79 -30.46 -2.40
C LEU B 4 -8.07 -28.96 -2.33
N ALA B 5 -8.64 -28.40 -3.39
CA ALA B 5 -8.94 -26.97 -3.45
C ALA B 5 -10.44 -26.76 -3.34
N LEU B 6 -10.84 -25.89 -2.43
CA LEU B 6 -12.23 -25.46 -2.28
C LEU B 6 -12.35 -23.99 -2.64
N ASP B 7 -13.45 -23.64 -3.30
CA ASP B 7 -13.77 -22.25 -3.62
C ASP B 7 -15.19 -21.97 -3.15
N ILE B 8 -15.31 -21.28 -2.02
CA ILE B 8 -16.58 -21.08 -1.33
C ILE B 8 -17.09 -19.68 -1.67
N GLY B 9 -18.17 -19.62 -2.44
CA GLY B 9 -18.78 -18.38 -2.85
C GLY B 9 -20.12 -18.14 -2.18
N GLY B 10 -20.75 -17.03 -2.58
CA GLY B 10 -22.03 -16.68 -2.02
C GLY B 10 -23.16 -17.56 -2.52
N THR B 11 -22.98 -18.18 -3.68
CA THR B 11 -23.98 -19.04 -4.29
C THR B 11 -23.53 -20.48 -4.45
N LYS B 12 -22.28 -20.72 -4.82
CA LYS B 12 -21.80 -22.06 -5.12
C LYS B 12 -20.49 -22.36 -4.39
N ILE B 13 -20.33 -23.62 -4.00
CA ILE B 13 -19.08 -24.15 -3.49
C ILE B 13 -18.51 -25.10 -4.55
N ALA B 14 -17.36 -24.73 -5.11
CA ALA B 14 -16.63 -25.61 -6.01
C ALA B 14 -15.50 -26.31 -5.27
N SER B 15 -15.26 -27.58 -5.62
CA SER B 15 -14.13 -28.32 -5.10
C SER B 15 -13.45 -29.06 -6.25
N ALA B 16 -12.23 -29.53 -5.99
CA ALA B 16 -11.45 -30.18 -7.03
C ALA B 16 -10.13 -30.65 -6.44
N ILE B 17 -9.48 -31.57 -7.14
CA ILE B 17 -8.11 -31.95 -6.85
C ILE B 17 -7.22 -31.25 -7.87
N VAL B 18 -6.22 -30.52 -7.38
CA VAL B 18 -5.31 -29.78 -8.22
C VAL B 18 -3.92 -30.38 -8.04
N THR B 19 -3.32 -30.79 -9.14
CA THR B 19 -1.97 -31.37 -9.12
C THR B 19 -1.18 -30.82 -10.30
N ASP B 20 -0.01 -30.25 -10.00
CA ASP B 20 0.82 -29.60 -11.00
C ASP B 20 0.04 -28.55 -11.78
N GLY B 21 -0.84 -27.83 -11.06
CA GLY B 21 -1.62 -26.77 -11.67
C GLY B 21 -2.75 -27.21 -12.56
N LYS B 22 -3.06 -28.50 -12.57
CA LYS B 22 -4.13 -29.04 -13.43
C LYS B 22 -5.25 -29.59 -12.55
N ILE B 23 -6.49 -29.29 -12.95
CA ILE B 23 -7.66 -29.59 -12.16
C ILE B 23 -8.20 -30.97 -12.53
N GLU B 24 -8.61 -31.72 -11.52
CA GLU B 24 -9.27 -33.00 -11.70
C GLU B 24 -10.50 -33.06 -10.80
N GLN B 25 -11.54 -33.74 -11.28
CA GLN B 25 -12.68 -34.08 -10.44
C GLN B 25 -13.41 -32.84 -9.94
N ARG B 26 -13.62 -31.88 -10.83
CA ARG B 26 -14.33 -30.68 -10.45
C ARG B 26 -15.76 -31.02 -10.02
N GLN B 27 -16.14 -30.60 -8.82
CA GLN B 27 -17.49 -30.72 -8.33
C GLN B 27 -17.99 -29.36 -7.86
N GLN B 28 -19.30 -29.15 -7.97
CA GLN B 28 -19.93 -27.88 -7.64
C GLN B 28 -21.26 -28.15 -6.97
N ILE B 29 -21.50 -27.49 -5.83
CA ILE B 29 -22.75 -27.64 -5.09
C ILE B 29 -23.23 -26.25 -4.67
N ALA B 30 -24.44 -26.22 -4.13
CA ALA B 30 -25.01 -24.96 -3.67
C ALA B 30 -24.39 -24.58 -2.33
N THR B 31 -24.17 -23.29 -2.16
CA THR B 31 -23.73 -22.81 -0.85
C THR B 31 -24.90 -22.88 0.11
N PRO B 32 -24.76 -23.53 1.27
CA PRO B 32 -25.88 -23.68 2.20
C PRO B 32 -26.55 -22.36 2.50
N GLN B 33 -27.89 -22.38 2.55
CA GLN B 33 -28.68 -21.22 2.92
C GLN B 33 -29.63 -21.54 4.07
N ALA B 34 -30.35 -22.66 3.98
CA ALA B 34 -31.17 -23.10 5.10
C ALA B 34 -30.25 -23.51 6.25
N ASP B 35 -30.53 -22.99 7.45
CA ASP B 35 -29.74 -23.30 8.64
C ASP B 35 -28.24 -23.29 8.32
N ALA B 36 -27.81 -22.19 7.68
CA ALA B 36 -26.54 -22.17 6.94
C ALA B 36 -25.37 -22.65 7.78
N ALA B 37 -25.26 -22.17 9.03
CA ALA B 37 -24.07 -22.49 9.82
C ALA B 37 -24.00 -23.98 10.12
N ASN B 38 -25.10 -24.55 10.64
CA ASN B 38 -25.14 -26.00 10.87
C ASN B 38 -24.91 -26.75 9.56
N ALA B 39 -25.57 -26.29 8.49
CA ALA B 39 -25.49 -26.99 7.21
C ALA B 39 -24.06 -27.01 6.67
N MET B 40 -23.30 -25.93 6.88
CA MET B 40 -21.95 -25.87 6.30
C MET B 40 -21.02 -26.88 6.95
N HIS B 41 -21.16 -27.13 8.25
CA HIS B 41 -20.36 -28.17 8.89
C HIS B 41 -20.58 -29.51 8.20
N ASP B 42 -21.84 -29.79 7.84
CA ASP B 42 -22.16 -31.04 7.13
C ASP B 42 -21.55 -31.02 5.72
N THR B 43 -21.80 -29.95 4.97
CA THR B 43 -21.23 -29.83 3.63
C THR B 43 -19.72 -30.09 3.65
N LEU B 44 -18.99 -29.40 4.53
CA LEU B 44 -17.55 -29.59 4.59
C LEU B 44 -17.18 -31.04 4.92
N ALA B 45 -17.87 -31.64 5.90
CA ALA B 45 -17.61 -33.05 6.20
C ALA B 45 -17.85 -33.92 4.97
N ASN B 46 -18.92 -33.65 4.22
CA ASN B 46 -19.20 -34.43 3.00
C ASN B 46 -18.08 -34.28 1.98
N ILE B 47 -17.61 -33.05 1.75
CA ILE B 47 -16.56 -32.84 0.76
C ILE B 47 -15.28 -33.53 1.18
N LEU B 48 -14.90 -33.40 2.46
CA LEU B 48 -13.68 -34.05 2.93
C LEU B 48 -13.77 -35.58 2.80
N ALA B 49 -14.97 -36.14 2.92
CA ALA B 49 -15.14 -37.58 2.76
C ALA B 49 -14.99 -37.98 1.29
N LEU B 50 -15.66 -37.27 0.39
CA LEU B 50 -15.62 -37.61 -1.02
C LEU B 50 -14.20 -37.72 -1.54
N TYR B 51 -13.32 -36.81 -1.13
CA TYR B 51 -11.94 -36.78 -1.59
C TYR B 51 -10.97 -37.43 -0.60
N ALA B 52 -11.48 -38.24 0.32
CA ALA B 52 -10.66 -38.79 1.39
C ALA B 52 -9.42 -39.48 0.84
N GLY B 53 -8.27 -39.16 1.44
CA GLY B 53 -7.01 -39.79 1.06
C GLY B 53 -6.44 -39.39 -0.29
N GLN B 54 -7.07 -38.44 -1.00
CA GLN B 54 -6.59 -38.04 -2.32
C GLN B 54 -5.77 -36.76 -2.31
N PHE B 55 -5.48 -36.18 -1.14
CA PHE B 55 -4.81 -34.89 -1.09
C PHE B 55 -3.72 -34.90 -0.04
N ASP B 56 -2.66 -34.14 -0.30
CA ASP B 56 -1.63 -33.89 0.72
C ASP B 56 -1.90 -32.63 1.52
N TYR B 57 -2.70 -31.70 0.99
CA TYR B 57 -3.03 -30.47 1.68
C TYR B 57 -4.31 -29.90 1.09
N VAL B 58 -4.95 -29.01 1.86
CA VAL B 58 -6.21 -28.37 1.49
C VAL B 58 -5.96 -26.88 1.32
N ALA B 59 -6.57 -26.28 0.30
CA ALA B 59 -6.47 -24.84 0.05
C ALA B 59 -7.87 -24.29 -0.20
N VAL B 60 -8.26 -23.26 0.54
CA VAL B 60 -9.64 -22.78 0.54
C VAL B 60 -9.66 -21.30 0.17
N ALA B 61 -10.28 -20.99 -0.96
CA ALA B 61 -10.66 -19.63 -1.32
C ALA B 61 -12.11 -19.38 -0.93
N SER B 62 -12.37 -18.20 -0.37
CA SER B 62 -13.70 -17.88 0.13
C SER B 62 -14.00 -16.42 -0.11
N THR B 63 -15.26 -16.10 -0.42
CA THR B 63 -15.65 -14.71 -0.41
C THR B 63 -15.57 -14.16 1.01
N GLY B 64 -15.32 -12.87 1.12
CA GLY B 64 -15.21 -12.26 2.42
C GLY B 64 -13.77 -12.19 2.86
N ILE B 65 -13.53 -12.29 4.16
CA ILE B 65 -12.21 -12.10 4.75
C ILE B 65 -11.89 -13.28 5.64
N ILE B 66 -10.66 -13.78 5.56
CA ILE B 66 -10.19 -14.86 6.41
C ILE B 66 -9.34 -14.26 7.51
N ASN B 67 -9.87 -14.25 8.73
CA ASN B 67 -9.16 -13.73 9.90
C ASN B 67 -8.87 -14.91 10.83
N HIS B 68 -7.62 -15.36 10.84
CA HIS B 68 -7.18 -16.43 11.71
C HIS B 68 -8.15 -17.62 11.62
N GLY B 69 -8.34 -18.08 10.39
CA GLY B 69 -9.15 -19.26 10.11
C GLY B 69 -10.64 -19.08 10.25
N VAL B 70 -11.12 -17.86 10.43
CA VAL B 70 -12.54 -17.58 10.61
C VAL B 70 -13.03 -16.76 9.42
N LEU B 71 -14.22 -17.10 8.93
CA LEU B 71 -14.84 -16.40 7.82
C LEU B 71 -15.56 -15.16 8.32
N THR B 72 -15.21 -14.00 7.77
CA THR B 72 -15.76 -12.75 8.26
C THR B 72 -15.85 -11.77 7.10
N ALA B 73 -16.21 -10.53 7.40
CA ALA B 73 -16.34 -9.50 6.36
C ALA B 73 -16.25 -8.15 7.05
N LEU B 74 -16.06 -7.10 6.24
CA LEU B 74 -16.08 -5.76 6.82
C LEU B 74 -17.41 -5.49 7.50
N ASN B 75 -18.51 -5.86 6.83
CA ASN B 75 -19.83 -5.96 7.43
C ASN B 75 -20.18 -7.45 7.52
N PRO B 76 -19.96 -8.11 8.65
CA PRO B 76 -20.21 -9.57 8.70
C PRO B 76 -21.66 -9.95 8.40
N LYS B 77 -22.59 -8.99 8.38
CA LYS B 77 -23.97 -9.34 8.04
C LYS B 77 -24.09 -9.77 6.58
N ASN B 78 -23.20 -9.28 5.72
CA ASN B 78 -23.19 -9.70 4.32
C ASN B 78 -22.97 -11.20 4.13
N LEU B 79 -22.54 -11.91 5.17
CA LEU B 79 -22.36 -13.36 5.10
C LEU B 79 -23.58 -14.12 5.60
N GLY B 80 -24.60 -13.44 6.10
CA GLY B 80 -25.74 -14.13 6.66
C GLY B 80 -25.32 -15.11 7.74
N GLY B 81 -25.86 -16.32 7.66
CA GLY B 81 -25.58 -17.31 8.68
C GLY B 81 -24.15 -17.82 8.70
N LEU B 82 -23.33 -17.48 7.72
CA LEU B 82 -21.94 -17.88 7.71
C LEU B 82 -21.01 -16.83 8.33
N ALA B 83 -21.57 -15.77 8.90
CA ALA B 83 -20.75 -14.79 9.61
C ALA B 83 -19.96 -15.47 10.72
N GLU B 84 -18.66 -15.16 10.78
CA GLU B 84 -17.78 -15.70 11.80
C GLU B 84 -17.77 -17.23 11.78
N PHE B 85 -17.90 -17.83 10.60
CA PHE B 85 -17.91 -19.29 10.52
C PHE B 85 -16.51 -19.85 10.78
N PRO B 86 -16.35 -20.83 11.69
CA PRO B 86 -15.02 -21.39 11.97
C PRO B 86 -14.53 -22.35 10.88
N LEU B 87 -14.08 -21.77 9.76
CA LEU B 87 -13.83 -22.54 8.55
C LEU B 87 -12.66 -23.50 8.72
N LYS B 88 -11.52 -23.02 9.23
CA LYS B 88 -10.36 -23.89 9.33
C LYS B 88 -10.59 -25.01 10.35
N GLU B 89 -11.24 -24.68 11.47
CA GLU B 89 -11.53 -25.70 12.48
C GLU B 89 -12.48 -26.77 11.94
N SER B 90 -13.49 -26.34 11.18
CA SER B 90 -14.46 -27.29 10.65
C SER B 90 -13.80 -28.28 9.70
N ILE B 91 -12.89 -27.80 8.85
CA ILE B 91 -12.19 -28.69 7.93
C ILE B 91 -11.20 -29.56 8.69
N ALA B 92 -10.56 -29.01 9.73
CA ALA B 92 -9.55 -29.77 10.45
C ALA B 92 -10.13 -30.96 11.21
N ARG B 93 -11.43 -30.92 11.54
CA ARG B 93 -12.07 -32.10 12.13
C ARG B 93 -11.80 -33.34 11.30
N HIS B 94 -11.69 -33.19 9.99
CA HIS B 94 -11.71 -34.31 9.06
C HIS B 94 -10.37 -34.60 8.41
N THR B 95 -9.30 -33.90 8.80
CA THR B 95 -8.00 -34.22 8.22
C THR B 95 -6.88 -33.65 9.08
N ASP B 96 -5.72 -34.29 9.00
CA ASP B 96 -4.51 -33.89 9.68
C ASP B 96 -3.55 -33.13 8.78
N LYS B 97 -3.87 -33.00 7.49
CA LYS B 97 -3.00 -32.35 6.53
C LYS B 97 -2.99 -30.83 6.76
N PRO B 98 -2.07 -30.11 6.13
CA PRO B 98 -2.08 -28.65 6.24
C PRO B 98 -3.25 -28.03 5.50
N ILE B 99 -3.80 -26.95 6.06
CA ILE B 99 -4.94 -26.24 5.49
C ILE B 99 -4.59 -24.76 5.41
N GLY B 100 -4.65 -24.19 4.21
CA GLY B 100 -4.50 -22.75 4.00
C GLY B 100 -5.81 -22.14 3.50
N LEU B 101 -6.11 -20.94 4.00
CA LEU B 101 -7.30 -20.20 3.60
C LEU B 101 -6.92 -18.79 3.16
N LEU B 102 -7.57 -18.31 2.10
CA LEU B 102 -7.42 -16.94 1.64
C LEU B 102 -8.75 -16.52 1.02
N ASN B 103 -8.91 -15.23 0.76
CA ASN B 103 -10.18 -14.83 0.17
C ASN B 103 -10.12 -14.93 -1.36
N ASP B 104 -11.28 -14.77 -2.00
CA ASP B 104 -11.40 -15.16 -3.40
C ASP B 104 -10.63 -14.21 -4.32
N VAL B 105 -10.63 -12.91 -4.04
CA VAL B 105 -9.87 -11.99 -4.88
C VAL B 105 -8.37 -12.23 -4.71
N GLN B 106 -7.94 -12.51 -3.49
CA GLN B 106 -6.55 -12.90 -3.26
C GLN B 106 -6.19 -14.15 -4.05
N ALA B 107 -7.08 -15.14 -4.08
CA ALA B 107 -6.80 -16.34 -4.86
C ALA B 107 -6.72 -16.00 -6.34
N ALA B 108 -7.65 -15.19 -6.84
CA ALA B 108 -7.60 -14.77 -8.24
C ALA B 108 -6.30 -14.05 -8.55
N ALA B 109 -5.82 -13.20 -7.62
CA ALA B 109 -4.52 -12.56 -7.79
C ALA B 109 -3.43 -13.60 -8.02
N CYS B 110 -3.39 -14.63 -7.18
CA CYS B 110 -2.33 -15.64 -7.30
C CYS B 110 -2.46 -16.41 -8.60
N ALA B 111 -3.70 -16.69 -9.03
CA ALA B 111 -3.87 -17.37 -10.31
C ALA B 111 -3.24 -16.58 -11.45
N GLU B 112 -3.37 -15.24 -11.41
CA GLU B 112 -2.77 -14.45 -12.48
C GLU B 112 -1.26 -14.30 -12.26
N TYR B 113 -0.81 -14.27 -11.01
CA TYR B 113 0.62 -14.11 -10.75
C TYR B 113 1.41 -15.38 -11.08
N LYS B 114 0.80 -16.55 -10.91
CA LYS B 114 1.53 -17.81 -11.06
C LYS B 114 2.26 -17.89 -12.39
N ASP B 115 1.67 -17.34 -13.44
CA ASP B 115 2.26 -17.44 -14.77
C ASP B 115 3.29 -16.36 -15.05
N GLU B 116 3.46 -15.39 -14.15
CA GLU B 116 4.39 -14.31 -14.40
C GLU B 116 5.83 -14.77 -14.30
N ASP B 117 6.68 -14.08 -15.04
CA ASP B 117 8.12 -14.16 -14.84
C ASP B 117 8.46 -13.45 -13.53
N LYS B 118 8.73 -14.22 -12.49
CA LYS B 118 8.84 -13.67 -11.15
C LYS B 118 10.22 -13.12 -10.84
N ASN B 119 11.19 -13.28 -11.73
CA ASN B 119 12.39 -12.46 -11.67
C ASN B 119 12.06 -11.02 -12.03
N ALA B 120 11.25 -10.85 -13.07
CA ALA B 120 10.93 -9.52 -13.58
C ALA B 120 9.82 -8.83 -12.78
N VAL B 121 8.83 -9.56 -12.29
CA VAL B 121 7.66 -8.97 -11.64
C VAL B 121 7.55 -9.53 -10.23
N GLN B 122 7.90 -8.72 -9.23
CA GLN B 122 7.76 -9.13 -7.84
C GLN B 122 6.64 -8.42 -7.10
N ASN B 123 6.23 -7.23 -7.57
CA ASN B 123 5.18 -6.42 -6.94
C ASN B 123 4.04 -6.35 -7.93
N PHE B 124 2.91 -6.98 -7.57
CA PHE B 124 1.85 -7.31 -8.51
C PHE B 124 0.51 -7.13 -7.81
N VAL B 125 -0.46 -6.54 -8.51
CA VAL B 125 -1.77 -6.31 -7.90
C VAL B 125 -2.84 -6.79 -8.87
N PHE B 126 -3.79 -7.55 -8.36
CA PHE B 126 -5.00 -7.89 -9.10
C PHE B 126 -6.14 -7.02 -8.60
N ILE B 127 -6.85 -6.38 -9.53
CA ILE B 127 -8.04 -5.58 -9.21
C ILE B 127 -9.21 -6.20 -9.96
N THR B 128 -10.29 -6.50 -9.25
CA THR B 128 -11.53 -6.93 -9.89
C THR B 128 -12.55 -5.81 -9.77
N VAL B 129 -13.07 -5.38 -10.90
CA VAL B 129 -14.10 -4.36 -10.97
C VAL B 129 -15.35 -5.07 -11.47
N SER B 130 -16.28 -5.30 -10.54
CA SER B 130 -17.45 -6.12 -10.77
C SER B 130 -18.64 -5.40 -10.14
N THR B 131 -19.51 -6.14 -9.45
CA THR B 131 -20.52 -5.48 -8.61
C THR B 131 -19.86 -4.55 -7.60
N GLY B 132 -18.77 -5.00 -6.99
CA GLY B 132 -17.94 -4.15 -6.16
C GLY B 132 -16.55 -4.02 -6.75
N VAL B 133 -15.60 -3.53 -5.96
CA VAL B 133 -14.20 -3.47 -6.34
C VAL B 133 -13.40 -4.19 -5.26
N GLY B 134 -12.60 -5.17 -5.65
CA GLY B 134 -11.76 -5.88 -4.72
C GLY B 134 -10.34 -5.99 -5.24
N GLY B 135 -9.43 -6.38 -4.35
CA GLY B 135 -8.05 -6.51 -4.78
C GLY B 135 -7.29 -7.56 -4.01
N GLY B 136 -6.17 -7.96 -4.62
CA GLY B 136 -5.21 -8.83 -3.98
C GLY B 136 -3.82 -8.29 -4.28
N ILE B 137 -2.95 -8.24 -3.27
CA ILE B 137 -1.68 -7.55 -3.40
C ILE B 137 -0.56 -8.53 -3.13
N ILE B 138 0.39 -8.59 -4.06
CA ILE B 138 1.59 -9.42 -3.94
C ILE B 138 2.81 -8.49 -3.99
N LEU B 139 3.63 -8.55 -2.93
CA LEU B 139 4.87 -7.77 -2.86
C LEU B 139 6.05 -8.70 -2.58
N GLU B 140 7.19 -8.42 -3.22
CA GLU B 140 8.35 -9.33 -3.17
C GLU B 140 7.92 -10.78 -3.39
N ARG B 141 7.03 -11.01 -4.35
CA ARG B 141 6.62 -12.34 -4.77
C ARG B 141 5.69 -13.04 -3.78
N ARG B 142 5.32 -12.40 -2.67
CA ARG B 142 4.45 -13.03 -1.67
C ARG B 142 3.16 -12.25 -1.46
N LEU B 143 2.04 -12.99 -1.37
CA LEU B 143 0.73 -12.37 -1.18
C LEU B 143 0.64 -11.76 0.20
N LEU B 144 0.02 -10.58 0.29
CA LEU B 144 -0.19 -9.93 1.59
C LEU B 144 -1.45 -10.50 2.23
N THR B 145 -1.31 -11.04 3.45
CA THR B 145 -2.44 -11.60 4.18
C THR B 145 -2.43 -11.29 5.66
N GLU B 146 -1.32 -10.79 6.24
CA GLU B 146 -1.18 -10.66 7.68
C GLU B 146 -1.47 -9.23 8.13
N PRO B 147 -1.96 -9.07 9.37
CA PRO B 147 -2.27 -10.17 10.28
C PRO B 147 -3.70 -10.72 10.15
N ASN B 148 -4.63 -9.92 9.64
CA ASN B 148 -6.04 -10.28 9.76
C ASN B 148 -6.77 -10.44 8.42
N GLY B 149 -6.03 -10.70 7.33
CA GLY B 149 -6.64 -10.97 6.04
C GLY B 149 -7.28 -9.78 5.34
N VAL B 150 -7.03 -8.56 5.80
CA VAL B 150 -7.68 -7.41 5.18
C VAL B 150 -6.91 -6.85 3.99
N ALA B 151 -5.59 -7.03 3.95
CA ALA B 151 -4.79 -6.40 2.89
C ALA B 151 -5.37 -6.69 1.52
N GLY B 152 -5.46 -5.65 0.70
CA GLY B 152 -6.02 -5.77 -0.63
C GLY B 152 -7.41 -5.19 -0.79
N HIS B 153 -8.03 -4.73 0.29
CA HIS B 153 -9.33 -4.07 0.18
C HIS B 153 -9.19 -2.65 -0.35
N ILE B 154 -8.56 -2.54 -1.52
CA ILE B 154 -8.29 -1.22 -2.09
C ILE B 154 -9.51 -0.60 -2.75
N GLY B 155 -10.60 -1.36 -2.91
CA GLY B 155 -11.86 -0.73 -3.28
C GLY B 155 -12.34 0.27 -2.26
N HIS B 156 -11.80 0.24 -1.04
CA HIS B 156 -12.23 1.15 0.01
C HIS B 156 -11.16 2.17 0.36
N THR B 157 -10.22 2.40 -0.55
CA THR B 157 -9.37 3.57 -0.48
C THR B 157 -10.08 4.76 -1.13
N LEU B 158 -9.59 5.96 -0.85
CA LEU B 158 -10.28 7.18 -1.24
C LEU B 158 -10.16 7.45 -2.74
N ALA B 159 -11.29 7.69 -3.39
CA ALA B 159 -11.31 8.16 -4.77
C ALA B 159 -11.67 9.64 -4.88
N ASP B 160 -12.53 10.15 -4.00
CA ASP B 160 -12.96 11.55 -4.08
C ASP B 160 -13.62 11.94 -2.77
N PRO B 161 -13.02 12.84 -1.98
CA PRO B 161 -13.63 13.20 -0.69
C PRO B 161 -14.99 13.88 -0.84
N ASN B 162 -15.39 14.25 -2.06
CA ASN B 162 -16.73 14.81 -2.31
C ASN B 162 -17.61 13.85 -3.10
N GLY B 163 -17.24 12.57 -3.16
CA GLY B 163 -18.01 11.59 -3.89
C GLY B 163 -19.09 10.98 -3.03
N PRO B 164 -19.77 9.95 -3.54
CA PRO B 164 -20.88 9.36 -2.79
C PRO B 164 -20.39 8.56 -1.59
N VAL B 165 -21.33 8.29 -0.68
CA VAL B 165 -21.04 7.43 0.47
C VAL B 165 -20.95 5.98 0.00
N CYS B 166 -19.92 5.27 0.46
CA CYS B 166 -19.76 3.88 0.10
C CYS B 166 -20.66 2.99 0.94
N GLY B 167 -20.88 1.77 0.44
CA GLY B 167 -21.64 0.79 1.19
C GLY B 167 -21.02 0.44 2.53
N CYS B 168 -19.70 0.65 2.66
CA CYS B 168 -19.03 0.34 3.93
C CYS B 168 -19.26 1.43 4.97
N GLY B 169 -19.70 2.62 4.57
CA GLY B 169 -19.88 3.76 5.45
C GLY B 169 -18.92 4.90 5.20
N ARG B 170 -17.78 4.65 4.55
CA ARG B 170 -16.84 5.72 4.26
C ARG B 170 -17.28 6.57 3.08
N VAL B 171 -16.99 7.86 3.14
CA VAL B 171 -17.34 8.76 2.04
C VAL B 171 -16.28 8.67 0.95
N GLY B 172 -16.71 8.34 -0.27
CA GLY B 172 -15.88 8.55 -1.45
C GLY B 172 -14.93 7.44 -1.85
N CYS B 173 -15.17 6.19 -1.42
CA CYS B 173 -14.34 5.06 -1.80
C CYS B 173 -14.31 4.85 -3.30
N VAL B 174 -13.22 4.22 -3.78
CA VAL B 174 -13.16 3.76 -5.16
C VAL B 174 -14.43 2.99 -5.52
N GLU B 175 -14.89 2.12 -4.63
CA GLU B 175 -16.04 1.27 -4.95
C GLU B 175 -17.29 2.12 -5.19
N ALA B 176 -17.43 3.22 -4.46
CA ALA B 176 -18.64 4.03 -4.58
C ALA B 176 -18.69 4.90 -5.83
N VAL B 177 -17.60 4.99 -6.60
CA VAL B 177 -17.63 5.67 -7.89
C VAL B 177 -17.32 4.76 -9.06
N ALA B 178 -16.68 3.61 -8.86
CA ALA B 178 -16.20 2.83 -9.99
C ALA B 178 -16.92 1.51 -10.19
N ALA B 179 -17.50 0.90 -9.15
CA ALA B 179 -18.04 -0.44 -9.26
C ALA B 179 -19.30 -0.45 -10.13
N GLY B 180 -19.68 -1.65 -10.59
CA GLY B 180 -20.92 -1.78 -11.33
C GLY B 180 -22.11 -1.24 -10.55
N ARG B 181 -22.11 -1.47 -9.23
CA ARG B 181 -23.18 -0.94 -8.39
C ARG B 181 -23.23 0.58 -8.45
N ALA B 182 -22.07 1.23 -8.52
CA ALA B 182 -22.04 2.69 -8.63
C ALA B 182 -22.50 3.15 -10.02
N ILE B 183 -22.10 2.42 -11.07
CA ILE B 183 -22.59 2.75 -12.41
C ILE B 183 -24.11 2.65 -12.45
N GLU B 184 -24.66 1.56 -11.89
CA GLU B 184 -26.10 1.36 -11.92
C GLU B 184 -26.83 2.39 -11.06
N ALA B 185 -26.23 2.81 -9.94
CA ALA B 185 -26.87 3.84 -9.13
C ALA B 185 -27.17 5.09 -9.94
N VAL B 186 -26.41 5.32 -11.00
CA VAL B 186 -26.64 6.49 -11.86
C VAL B 186 -27.52 6.12 -13.05
N SER B 187 -27.20 5.02 -13.74
CA SER B 187 -27.93 4.68 -14.96
C SER B 187 -29.37 4.29 -14.66
N SER B 188 -29.62 3.68 -13.50
CA SER B 188 -30.98 3.34 -13.10
C SER B 188 -31.85 4.59 -12.91
N GLN B 189 -31.25 5.75 -12.75
CA GLN B 189 -32.03 6.98 -12.60
C GLN B 189 -32.26 7.69 -13.93
N TRP B 190 -31.70 7.18 -15.03
CA TRP B 190 -31.99 7.77 -16.32
C TRP B 190 -33.44 7.52 -16.71
N ASN B 191 -33.93 8.32 -17.64
CA ASN B 191 -35.29 8.19 -18.16
C ASN B 191 -35.22 7.80 -19.63
N PRO B 192 -35.42 6.51 -19.97
CA PRO B 192 -35.75 5.39 -19.10
C PRO B 192 -34.54 4.82 -18.36
N PRO B 193 -34.78 3.91 -17.41
CA PRO B 193 -33.66 3.31 -16.68
C PRO B 193 -32.80 2.44 -17.58
N CYS B 194 -31.50 2.42 -17.28
CA CYS B 194 -30.54 1.58 -17.97
C CYS B 194 -29.69 0.82 -16.96
N THR B 195 -29.29 -0.38 -17.34
CA THR B 195 -28.33 -1.18 -16.58
C THR B 195 -26.92 -0.78 -16.97
N PRO B 196 -25.91 -1.19 -16.19
CA PRO B 196 -24.53 -0.91 -16.61
C PRO B 196 -24.20 -1.48 -17.98
N LYS B 197 -24.70 -2.68 -18.30
CA LYS B 197 -24.48 -3.24 -19.63
C LYS B 197 -25.01 -2.30 -20.71
N GLN B 198 -26.18 -1.71 -20.50
CA GLN B 198 -26.73 -0.78 -21.49
C GLN B 198 -25.96 0.53 -21.51
N ALA B 199 -25.46 0.97 -20.35
CA ALA B 199 -24.61 2.16 -20.31
C ALA B 199 -23.33 1.95 -21.12
N PHE B 200 -22.72 0.77 -21.00
CA PHE B 200 -21.50 0.48 -21.76
C PHE B 200 -21.80 0.50 -23.26
N GLU B 201 -22.89 -0.15 -23.66
CA GLU B 201 -23.30 -0.17 -25.05
C GLU B 201 -23.44 1.25 -25.59
N LEU B 202 -24.07 2.14 -24.84
CA LEU B 202 -24.20 3.53 -25.28
C LEU B 202 -22.84 4.22 -25.29
N PHE B 203 -22.00 3.91 -24.30
CA PHE B 203 -20.64 4.47 -24.28
C PHE B 203 -19.89 4.11 -25.56
N ARG B 204 -19.98 2.84 -25.98
CA ARG B 204 -19.32 2.45 -27.21
C ARG B 204 -19.94 3.08 -28.45
N LYS B 205 -21.12 3.71 -28.32
CA LYS B 205 -21.72 4.45 -29.42
C LYS B 205 -21.58 5.95 -29.24
N ASN B 206 -20.65 6.38 -28.38
CA ASN B 206 -20.26 7.77 -28.17
C ASN B 206 -21.39 8.62 -27.58
N ASP B 207 -22.33 7.98 -26.88
CA ASP B 207 -23.28 8.70 -26.04
C ASP B 207 -22.52 9.45 -24.95
N GLU B 208 -22.61 10.79 -24.97
CA GLU B 208 -21.77 11.58 -24.09
C GLU B 208 -22.11 11.35 -22.62
N LYS B 209 -23.40 11.22 -22.29
CA LYS B 209 -23.79 11.00 -20.91
C LYS B 209 -23.33 9.64 -20.41
N ALA B 210 -23.52 8.57 -21.20
CA ALA B 210 -23.02 7.28 -20.78
C ALA B 210 -21.50 7.28 -20.70
N THR B 211 -20.84 8.01 -21.62
CA THR B 211 -19.38 8.09 -21.60
C THR B 211 -18.87 8.73 -20.32
N ALA B 212 -19.52 9.81 -19.89
CA ALA B 212 -19.08 10.45 -18.65
C ALA B 212 -19.17 9.49 -17.48
N LEU B 213 -20.21 8.66 -17.46
CA LEU B 213 -20.39 7.72 -16.37
C LEU B 213 -19.32 6.63 -16.39
N ILE B 214 -19.01 6.10 -17.58
CA ILE B 214 -17.96 5.09 -17.67
C ILE B 214 -16.61 5.71 -17.36
N GLN B 215 -16.38 6.95 -17.82
CA GLN B 215 -15.13 7.65 -17.52
C GLN B 215 -14.96 7.88 -16.02
N ARG B 216 -16.06 8.19 -15.32
CA ARG B 216 -15.97 8.36 -13.87
C ARG B 216 -15.41 7.11 -13.21
N SER B 217 -15.85 5.93 -13.67
CA SER B 217 -15.33 4.69 -13.12
C SER B 217 -13.88 4.46 -13.53
N ALA B 218 -13.59 4.57 -14.83
CA ALA B 218 -12.23 4.26 -15.29
C ALA B 218 -11.20 5.21 -14.68
N SER B 219 -11.55 6.48 -14.53
CA SER B 219 -10.61 7.45 -13.96
C SER B 219 -10.28 7.11 -12.51
N ALA B 220 -11.26 6.63 -11.76
CA ALA B 220 -11.05 6.25 -10.37
C ALA B 220 -10.12 5.03 -10.27
N ILE B 221 -10.32 4.05 -11.14
CA ILE B 221 -9.42 2.90 -11.19
C ILE B 221 -8.00 3.33 -11.60
N ALA B 222 -7.89 4.24 -12.57
CA ALA B 222 -6.57 4.73 -12.94
C ALA B 222 -5.85 5.37 -11.75
N ASN B 223 -6.57 6.19 -10.97
CA ASN B 223 -5.92 6.84 -9.84
C ASN B 223 -5.55 5.84 -8.74
N LEU B 224 -6.35 4.78 -8.58
CA LEU B 224 -5.97 3.70 -7.68
C LEU B 224 -4.67 3.06 -8.14
N ILE B 225 -4.57 2.75 -9.43
CA ILE B 225 -3.34 2.15 -9.94
C ILE B 225 -2.16 3.07 -9.69
N ALA B 226 -2.31 4.37 -9.98
CA ALA B 226 -1.22 5.31 -9.73
C ALA B 226 -0.80 5.31 -8.25
N ASP B 227 -1.78 5.27 -7.34
CA ASP B 227 -1.47 5.19 -5.90
C ASP B 227 -0.63 3.96 -5.59
N LEU B 228 -0.96 2.81 -6.20
CA LEU B 228 -0.21 1.57 -5.91
C LEU B 228 1.20 1.63 -6.49
N VAL B 229 1.35 2.19 -7.68
CA VAL B 229 2.68 2.29 -8.28
C VAL B 229 3.58 3.17 -7.40
N ILE B 230 3.08 4.35 -7.03
CA ILE B 230 3.95 5.29 -6.31
C ILE B 230 4.07 4.93 -4.83
N GLY B 231 3.04 4.32 -4.25
CA GLY B 231 3.08 3.98 -2.84
C GLY B 231 3.79 2.68 -2.54
N LEU B 232 3.71 1.69 -3.43
CA LEU B 232 4.25 0.36 -3.18
C LEU B 232 5.27 -0.09 -4.20
N ASP B 233 5.57 0.72 -5.23
CA ASP B 233 6.49 0.33 -6.30
C ASP B 233 5.94 -0.91 -7.03
N VAL B 234 4.61 -0.94 -7.21
CA VAL B 234 3.98 -2.00 -7.99
C VAL B 234 4.43 -1.91 -9.44
N GLN B 235 4.75 -3.07 -10.03
CA GLN B 235 5.25 -3.19 -11.40
C GLN B 235 4.19 -3.64 -12.42
N LYS B 236 3.15 -4.31 -11.98
CA LYS B 236 2.15 -4.78 -12.93
C LYS B 236 0.81 -4.86 -12.22
N VAL B 237 -0.26 -4.49 -12.94
CA VAL B 237 -1.63 -4.58 -12.45
C VAL B 237 -2.42 -5.34 -13.49
N VAL B 238 -3.17 -6.35 -13.05
CA VAL B 238 -4.07 -7.12 -13.89
C VAL B 238 -5.48 -6.85 -13.41
N VAL B 239 -6.37 -6.50 -14.34
CA VAL B 239 -7.74 -6.05 -14.03
C VAL B 239 -8.72 -7.06 -14.60
N GLY B 240 -9.64 -7.52 -13.77
CA GLY B 240 -10.71 -8.40 -14.20
C GLY B 240 -12.08 -7.95 -13.74
N GLY B 241 -13.04 -8.88 -13.72
CA GLY B 241 -14.40 -8.53 -13.34
C GLY B 241 -15.23 -8.08 -14.53
N SER B 242 -16.55 -8.13 -14.34
CA SER B 242 -17.47 -7.84 -15.44
C SER B 242 -17.28 -6.43 -15.99
N VAL B 243 -17.12 -5.45 -15.10
CA VAL B 243 -16.80 -4.10 -15.56
C VAL B 243 -15.37 -4.03 -16.10
N GLY B 244 -14.41 -4.55 -15.34
CA GLY B 244 -13.01 -4.45 -15.77
C GLY B 244 -12.75 -5.03 -17.15
N LEU B 245 -13.45 -6.11 -17.51
CA LEU B 245 -13.23 -6.78 -18.79
C LEU B 245 -14.18 -6.30 -19.89
N ALA B 246 -15.09 -5.37 -19.59
CA ALA B 246 -16.00 -4.84 -20.59
C ALA B 246 -15.22 -4.18 -21.73
N GLU B 247 -15.71 -4.37 -22.95
CA GLU B 247 -15.03 -3.83 -24.12
C GLU B 247 -14.85 -2.33 -24.00
N GLY B 248 -13.62 -1.86 -24.18
CA GLY B 248 -13.32 -0.45 -24.13
C GLY B 248 -13.00 0.12 -22.75
N TYR B 249 -13.20 -0.65 -21.68
CA TYR B 249 -13.00 -0.11 -20.34
C TYR B 249 -11.50 0.04 -20.03
N LEU B 250 -10.75 -1.05 -20.08
CA LEU B 250 -9.34 -0.99 -19.71
C LEU B 250 -8.55 -0.01 -20.59
N PRO B 251 -8.74 0.03 -21.91
CA PRO B 251 -8.12 1.12 -22.69
C PRO B 251 -8.39 2.50 -22.11
N LEU B 252 -9.60 2.73 -21.60
CA LEU B 252 -9.91 4.02 -21.00
C LEU B 252 -9.16 4.22 -19.69
N VAL B 253 -9.03 3.16 -18.88
CA VAL B 253 -8.21 3.24 -17.66
C VAL B 253 -6.78 3.61 -18.03
N LYS B 254 -6.21 2.91 -19.00
CA LYS B 254 -4.81 3.13 -19.34
C LYS B 254 -4.60 4.51 -19.94
N GLN B 255 -5.64 5.07 -20.59
CA GLN B 255 -5.55 6.42 -21.13
C GLN B 255 -5.44 7.46 -20.02
N TYR B 256 -6.24 7.32 -18.96
CA TYR B 256 -6.11 8.23 -17.81
C TYR B 256 -4.77 8.05 -17.10
N LEU B 257 -4.34 6.81 -16.91
CA LEU B 257 -3.08 6.58 -16.22
C LEU B 257 -1.92 7.18 -17.01
N ASN B 258 -1.90 6.96 -18.31
CA ASN B 258 -0.76 7.39 -19.11
C ASN B 258 -0.67 8.91 -19.23
N THR B 259 -1.72 9.63 -18.86
CA THR B 259 -1.68 11.07 -18.86
C THR B 259 -1.10 11.65 -17.58
N MET B 260 -0.87 10.83 -16.57
CA MET B 260 -0.14 11.24 -15.39
C MET B 260 1.34 11.21 -15.68
N PRO B 261 2.15 11.84 -14.83
CA PRO B 261 3.62 11.73 -14.99
C PRO B 261 4.05 10.28 -15.12
N HIS B 262 5.14 10.06 -15.86
CA HIS B 262 5.52 8.70 -16.22
C HIS B 262 5.88 7.86 -15.01
N PHE B 263 6.27 8.47 -13.88
CA PHE B 263 6.62 7.59 -12.77
C PHE B 263 5.41 6.97 -12.09
N TYR B 264 4.17 7.28 -12.54
CA TYR B 264 2.99 6.54 -12.10
C TYR B 264 2.65 5.36 -13.00
N HIS B 265 3.37 5.20 -14.12
CA HIS B 265 3.02 4.18 -15.11
C HIS B 265 3.44 2.79 -14.65
N CYS B 266 2.73 1.78 -15.15
CA CYS B 266 3.19 0.41 -15.03
C CYS B 266 2.44 -0.42 -16.06
N THR B 267 2.82 -1.69 -16.16
CA THR B 267 2.09 -2.59 -17.03
C THR B 267 0.68 -2.82 -16.49
N VAL B 268 -0.32 -2.67 -17.35
CA VAL B 268 -1.74 -2.86 -17.00
C VAL B 268 -2.35 -3.75 -18.08
N GLU B 269 -2.91 -4.89 -17.66
N GLU B 269 -2.90 -4.90 -17.68
CA GLU B 269 -3.42 -5.89 -18.59
CA GLU B 269 -3.42 -5.84 -18.66
C GLU B 269 -4.75 -6.45 -18.11
C GLU B 269 -4.64 -6.58 -18.11
N GLN B 270 -5.44 -7.12 -19.03
CA GLN B 270 -6.66 -7.85 -18.69
C GLN B 270 -6.35 -9.14 -17.94
N ALA B 271 -7.26 -9.50 -17.05
CA ALA B 271 -7.20 -10.82 -16.42
C ALA B 271 -7.33 -11.90 -17.48
N ARG B 272 -6.58 -12.98 -17.31
CA ARG B 272 -6.60 -14.08 -18.27
C ARG B 272 -7.06 -15.41 -17.70
N HIS B 273 -7.43 -15.48 -16.42
CA HIS B 273 -7.95 -16.71 -15.83
C HIS B 273 -9.44 -16.55 -15.49
N GLY B 274 -10.20 -17.62 -15.71
CA GLY B 274 -11.62 -17.54 -15.57
C GLY B 274 -12.20 -18.18 -14.32
N GLN B 275 -13.18 -19.06 -14.51
CA GLN B 275 -13.95 -19.61 -13.40
C GLN B 275 -13.08 -20.39 -12.42
N ASP B 276 -11.95 -20.93 -12.88
CA ASP B 276 -11.11 -21.75 -12.03
C ASP B 276 -10.03 -20.93 -11.31
N ALA B 277 -10.10 -19.60 -11.36
CA ALA B 277 -9.05 -18.79 -10.75
C ALA B 277 -8.96 -19.03 -9.24
N GLY B 278 -10.12 -19.14 -8.58
CA GLY B 278 -10.09 -19.38 -7.14
C GLY B 278 -9.41 -20.68 -6.78
N LEU B 279 -9.84 -21.78 -7.42
CA LEU B 279 -9.23 -23.08 -7.15
C LEU B 279 -7.73 -23.06 -7.47
N LEU B 280 -7.38 -22.60 -8.66
CA LEU B 280 -5.97 -22.66 -9.06
C LEU B 280 -5.11 -21.72 -8.23
N GLY B 281 -5.62 -20.51 -7.94
CA GLY B 281 -4.84 -19.57 -7.15
C GLY B 281 -4.63 -20.03 -5.72
N ALA B 282 -5.70 -20.53 -5.10
CA ALA B 282 -5.57 -21.05 -3.73
C ALA B 282 -4.58 -22.21 -3.69
N ALA B 283 -4.64 -23.11 -4.67
CA ALA B 283 -3.71 -24.23 -4.68
C ALA B 283 -2.27 -23.76 -4.84
N TRP B 284 -2.05 -22.75 -5.69
CA TRP B 284 -0.71 -22.25 -5.88
C TRP B 284 -0.18 -21.56 -4.63
N TRP B 285 -1.02 -20.78 -3.95
CA TRP B 285 -0.57 -20.02 -2.79
C TRP B 285 -0.20 -20.94 -1.63
N VAL B 286 -1.05 -21.93 -1.34
CA VAL B 286 -0.77 -22.81 -0.21
C VAL B 286 0.49 -23.62 -0.48
N ALA B 287 0.69 -24.07 -1.71
CA ALA B 287 1.93 -24.75 -2.07
C ALA B 287 3.13 -23.82 -1.91
N ASP B 288 2.99 -22.55 -2.34
CA ASP B 288 4.07 -21.59 -2.17
C ASP B 288 4.41 -21.38 -0.71
N CYS B 289 3.39 -21.27 0.15
CA CYS B 289 3.64 -21.16 1.59
C CYS B 289 4.40 -22.37 2.10
N LEU B 290 3.91 -23.57 1.78
CA LEU B 290 4.64 -24.79 2.14
C LEU B 290 6.04 -24.77 1.58
N LYS B 291 6.28 -23.98 0.54
CA LYS B 291 7.61 -23.67 0.03
C LYS B 291 8.10 -24.78 -0.88
ZN ZN C . 2.55 14.53 -6.20
C1 GOL D . 22.32 -5.60 1.62
O1 GOL D . 23.02 -4.93 2.65
C2 GOL D . 23.13 -5.32 0.34
O2 GOL D . 24.36 -5.98 0.35
C3 GOL D . 22.24 -5.78 -0.83
O3 GOL D . 21.56 -4.63 -1.29
H11 GOL D . 22.25 -6.56 1.77
H12 GOL D . 21.41 -5.29 1.51
HO1 GOL D . 23.13 -4.13 2.39
H2 GOL D . 23.32 -4.37 0.27
HO2 GOL D . 24.22 -6.78 0.59
H31 GOL D . 22.80 -6.18 -1.51
H32 GOL D . 21.65 -6.48 -0.53
HO3 GOL D . 22.12 -4.15 -1.73
ZN ZN E . -15.94 1.74 1.06
C1 GOL F . -0.88 -21.08 9.11
O1 GOL F . -1.92 -20.19 8.77
C2 GOL F . -0.07 -21.38 7.83
O2 GOL F . 1.30 -21.11 8.01
C3 GOL F . -0.31 -22.86 7.51
O3 GOL F . -0.92 -22.94 6.24
H11 GOL F . -0.29 -20.73 9.79
H12 GOL F . -1.21 -21.92 9.46
HO1 GOL F . -2.42 -20.59 8.22
H2 GOL F . -0.38 -20.80 7.10
HO2 GOL F . 1.47 -20.34 7.70
H31 GOL F . 0.55 -23.33 7.55
H32 GOL F . -0.85 -23.24 8.21
HO3 GOL F . -1.21 -22.16 6.06
#